data_1VS0
#
_entry.id   1VS0
#
_cell.length_a   57.102
_cell.length_b   57.102
_cell.length_c   368.957
_cell.angle_alpha   90.00
_cell.angle_beta   90.00
_cell.angle_gamma   120.00
#
_symmetry.space_group_name_H-M   'P 32 2 1'
#
loop_
_entity.id
_entity.type
_entity.pdbx_description
1 polymer 'Putative DNA ligase-like protein Rv0938/MT0965'
2 non-polymer 'ZINC ION'
3 non-polymer 'CHLORIDE ION'
4 non-polymer 'MAGNESIUM ION'
5 water water
#
_entity_poly.entity_id   1
_entity_poly.type   'polypeptide(L)'
_entity_poly.pdbx_seq_one_letter_code
;GAVFEFDNLAP(MSE)LATHGTVAGLKASQWAFEG(APK)WDGYRLLVEADHGAVRLRSRSGRDVTAEYPQLRALAEDLA
DHHVVLDGEAVVLDSSGVPSFSQ(MSE)QNRGRDTRVEFWAFDLLYLDGRALLGTRYQDRRKLLETLANATSLTVPELLP
GDGAQAFACSRKHGWEGVIAKRRDSRYQPGRRCASWVKDKHWNTQEVVIGGWRAGEGGRSSGVGSLL(MSE)GIPGPGGL
QFAGRVGTGLSERELANLKE(MSE)LAPLHTDESPFDVPLPARDAKGITYVKPALVAEVRYSEWTPEGRLRQSSWRGLRP
DKKPSEVVRE
;
_entity_poly.pdbx_strand_id   A,B
#
# COMPACT_ATOMS: atom_id res chain seq x y z
N PHE A 4 -10.24 -32.88 -49.99
CA PHE A 4 -9.00 -32.67 -49.16
C PHE A 4 -7.62 -32.78 -49.88
N GLU A 5 -7.09 -31.63 -50.28
CA GLU A 5 -5.83 -31.54 -50.99
C GLU A 5 -4.83 -30.90 -50.06
N PHE A 6 -3.88 -31.70 -49.62
CA PHE A 6 -2.81 -31.21 -48.77
C PHE A 6 -2.03 -30.08 -49.42
N ASP A 7 -1.75 -30.11 -50.72
CA ASP A 7 -1.09 -28.93 -51.28
C ASP A 7 -1.99 -27.73 -51.58
N ASN A 8 -3.26 -27.78 -51.17
CA ASN A 8 -4.09 -26.56 -51.10
C ASN A 8 -4.07 -25.86 -49.74
N LEU A 9 -3.62 -26.55 -48.70
CA LEU A 9 -3.71 -26.03 -47.34
C LEU A 9 -2.69 -24.97 -46.99
N ALA A 10 -3.18 -23.92 -46.35
CA ALA A 10 -2.29 -22.99 -45.70
C ALA A 10 -2.77 -22.86 -44.28
N PRO A 11 -1.86 -22.52 -43.33
CA PRO A 11 -2.23 -22.34 -41.93
C PRO A 11 -3.37 -21.37 -41.64
N LEU A 13 -4.69 -18.52 -39.18
CA LEU A 13 -3.94 -17.48 -38.50
C LEU A 13 -4.69 -16.78 -37.35
N ALA A 14 -3.92 -16.33 -36.36
CA ALA A 14 -4.48 -15.69 -35.16
C ALA A 14 -4.57 -14.18 -35.28
N THR A 15 -5.57 -13.62 -34.59
CA THR A 15 -5.78 -12.21 -34.50
C THR A 15 -5.04 -11.67 -33.27
N HIS A 16 -4.32 -10.58 -33.43
CA HIS A 16 -3.68 -9.93 -32.30
C HIS A 16 -4.76 -9.39 -31.37
N GLY A 17 -4.67 -9.70 -30.07
CA GLY A 17 -5.70 -9.31 -29.11
C GLY A 17 -5.41 -9.65 -27.66
N THR A 18 -6.42 -9.63 -26.79
CA THR A 18 -6.20 -9.86 -25.35
C THR A 18 -6.94 -11.09 -24.84
N VAL A 19 -6.32 -11.85 -23.96
CA VAL A 19 -6.91 -13.11 -23.49
C VAL A 19 -7.42 -13.04 -22.06
N ALA A 20 -6.99 -12.03 -21.30
CA ALA A 20 -7.55 -11.82 -19.97
C ALA A 20 -9.05 -11.56 -20.13
N GLY A 21 -9.86 -12.19 -19.31
CA GLY A 21 -11.30 -12.00 -19.46
C GLY A 21 -11.96 -13.08 -20.31
N LEU A 22 -11.18 -13.81 -21.12
CA LEU A 22 -11.77 -14.94 -21.85
C LEU A 22 -12.08 -16.13 -20.92
N LYS A 23 -13.17 -16.82 -21.22
CA LYS A 23 -13.64 -17.89 -20.36
C LYS A 23 -13.30 -19.26 -20.94
N ALA A 24 -12.73 -20.13 -20.11
CA ALA A 24 -12.38 -21.52 -20.45
C ALA A 24 -13.51 -22.31 -21.04
N SER A 25 -14.74 -21.93 -20.71
CA SER A 25 -15.88 -22.68 -21.19
C SER A 25 -16.07 -22.45 -22.68
N GLN A 26 -15.51 -21.35 -23.18
CA GLN A 26 -15.55 -20.99 -24.59
C GLN A 26 -14.25 -21.03 -25.32
N TRP A 27 -13.13 -20.98 -24.59
CA TRP A 27 -11.82 -20.80 -25.19
C TRP A 27 -10.81 -21.80 -24.63
N ALA A 28 -9.97 -22.32 -25.52
CA ALA A 28 -8.90 -23.18 -25.11
C ALA A 28 -7.68 -22.31 -25.18
N PHE A 29 -6.75 -22.51 -24.24
CA PHE A 29 -5.58 -21.67 -24.07
C PHE A 29 -4.32 -22.46 -24.30
N GLU A 30 -3.63 -22.10 -25.38
CA GLU A 30 -2.38 -22.71 -25.77
C GLU A 30 -1.22 -21.76 -25.58
N GLY A 31 -0.05 -22.31 -25.28
CA GLY A 31 1.14 -21.51 -25.26
C GLY A 31 1.51 -21.17 -26.68
N TRP A 33 4.55 -20.01 -29.38
CA TRP A 33 6.02 -20.07 -29.20
C TRP A 33 6.62 -19.58 -30.49
N ASP A 34 7.90 -19.24 -30.46
CA ASP A 34 8.58 -18.84 -31.67
C ASP A 34 9.30 -20.00 -32.38
N GLY A 35 9.03 -20.12 -33.68
CA GLY A 35 9.62 -21.22 -34.49
C GLY A 35 9.12 -21.12 -35.91
N TYR A 36 9.14 -22.23 -36.67
CA TYR A 36 8.55 -22.25 -38.02
C TYR A 36 7.20 -23.00 -37.99
N ARG A 37 6.14 -22.33 -38.42
CA ARG A 37 4.84 -22.96 -38.57
C ARG A 37 4.94 -23.99 -39.69
N LEU A 38 4.37 -25.17 -39.47
CA LEU A 38 4.52 -26.30 -40.39
C LEU A 38 3.26 -27.08 -40.45
N LEU A 39 2.81 -27.37 -41.67
CA LEU A 39 1.81 -28.42 -41.91
C LEU A 39 2.55 -29.70 -42.27
N VAL A 40 2.15 -30.78 -41.62
CA VAL A 40 2.80 -32.07 -41.77
C VAL A 40 1.82 -33.18 -42.24
N GLU A 41 2.12 -33.82 -43.36
CA GLU A 41 1.40 -35.02 -43.74
C GLU A 41 2.19 -36.28 -43.37
N ALA A 42 1.62 -37.10 -42.52
CA ALA A 42 2.27 -38.35 -42.15
C ALA A 42 1.34 -39.43 -42.65
N ASP A 43 1.64 -39.94 -43.84
CA ASP A 43 0.82 -40.94 -44.48
C ASP A 43 1.40 -42.33 -44.34
N HIS A 44 0.97 -43.07 -43.33
CA HIS A 44 1.37 -44.47 -43.14
C HIS A 44 2.88 -44.68 -43.26
N GLY A 45 3.67 -43.78 -42.66
CA GLY A 45 5.13 -43.91 -42.67
C GLY A 45 5.82 -42.85 -43.54
N ALA A 46 5.12 -42.31 -44.55
CA ALA A 46 5.74 -41.32 -45.41
C ALA A 46 5.47 -39.91 -44.91
N VAL A 47 6.42 -39.01 -45.12
CA VAL A 47 6.27 -37.63 -44.68
C VAL A 47 6.44 -36.63 -45.78
N ARG A 48 5.55 -35.62 -45.78
CA ARG A 48 5.62 -34.42 -46.62
C ARG A 48 5.37 -33.22 -45.71
N LEU A 49 6.08 -32.12 -45.96
CA LEU A 49 6.03 -30.92 -45.12
C LEU A 49 5.79 -29.67 -45.97
N ARG A 50 4.92 -28.78 -45.48
CA ARG A 50 4.65 -27.47 -46.12
C ARG A 50 4.95 -26.36 -45.12
N SER A 51 5.66 -25.33 -45.57
CA SER A 51 5.88 -24.13 -44.77
C SER A 51 4.63 -23.30 -44.81
N ARG A 52 4.60 -22.23 -44.03
CA ARG A 52 3.42 -21.41 -43.90
C ARG A 52 3.07 -20.70 -45.20
N SER A 53 4.05 -20.59 -46.08
CA SER A 53 3.85 -19.97 -47.36
C SER A 53 3.61 -21.02 -48.44
N GLY A 54 3.42 -22.29 -48.05
CA GLY A 54 3.09 -23.34 -49.00
C GLY A 54 4.25 -24.01 -49.73
N ARG A 55 5.48 -23.68 -49.40
CA ARG A 55 6.66 -24.30 -50.02
C ARG A 55 6.77 -25.73 -49.51
N ASP A 56 7.29 -26.62 -50.34
CA ASP A 56 7.50 -28.01 -49.95
C ASP A 56 8.83 -28.05 -49.24
N VAL A 57 8.85 -28.14 -47.93
CA VAL A 57 10.12 -28.12 -47.21
C VAL A 57 10.50 -29.51 -46.63
N THR A 58 9.97 -30.56 -47.25
CA THR A 58 10.20 -31.92 -46.80
C THR A 58 11.68 -32.23 -46.51
N ALA A 59 12.57 -31.83 -47.42
CA ALA A 59 13.99 -32.22 -47.37
C ALA A 59 14.79 -31.44 -46.33
N GLU A 60 14.20 -30.37 -45.81
CA GLU A 60 14.84 -29.50 -44.87
C GLU A 60 14.79 -30.10 -43.48
N TYR A 61 13.91 -31.09 -43.28
CA TYR A 61 13.71 -31.73 -41.96
C TYR A 61 13.69 -33.23 -42.00
N PRO A 62 14.82 -33.86 -42.38
CA PRO A 62 14.86 -35.32 -42.49
C PRO A 62 14.49 -35.98 -41.17
N GLN A 63 14.73 -35.28 -40.08
CA GLN A 63 14.50 -35.87 -38.77
C GLN A 63 13.03 -36.05 -38.42
N LEU A 64 12.15 -35.35 -39.14
CA LEU A 64 10.75 -35.53 -38.98
C LEU A 64 10.22 -36.78 -39.66
N ARG A 65 11.08 -37.53 -40.36
CA ARG A 65 10.75 -38.85 -40.86
C ARG A 65 10.44 -39.82 -39.74
N ALA A 66 11.17 -39.71 -38.63
CA ALA A 66 10.96 -40.54 -37.45
C ALA A 66 9.56 -40.34 -36.91
N LEU A 67 9.09 -39.09 -36.93
CA LEU A 67 7.74 -38.81 -36.51
C LEU A 67 6.73 -39.60 -37.37
N ALA A 68 6.89 -39.53 -38.69
CA ALA A 68 5.97 -40.20 -39.57
C ALA A 68 6.03 -41.71 -39.39
N GLU A 69 7.17 -42.26 -39.05
CA GLU A 69 7.23 -43.71 -38.85
C GLU A 69 6.55 -44.13 -37.58
N ASP A 70 6.80 -43.37 -36.53
CA ASP A 70 6.08 -43.54 -35.29
C ASP A 70 4.57 -43.48 -35.52
N LEU A 71 4.10 -42.58 -36.37
CA LEU A 71 2.67 -42.53 -36.70
C LEU A 71 2.24 -43.45 -37.86
N ALA A 72 2.96 -44.53 -38.12
CA ALA A 72 2.76 -45.33 -39.34
C ALA A 72 1.45 -46.15 -39.43
N ASP A 73 0.70 -46.22 -38.34
CA ASP A 73 -0.59 -46.88 -38.34
C ASP A 73 -1.60 -45.95 -39.00
N HIS A 74 -1.22 -44.67 -39.13
CA HIS A 74 -2.16 -43.62 -39.48
C HIS A 74 -1.79 -42.80 -40.68
N HIS A 75 -2.83 -42.21 -41.26
CA HIS A 75 -2.67 -41.15 -42.23
C HIS A 75 -3.19 -39.88 -41.54
N VAL A 76 -2.29 -38.94 -41.25
CA VAL A 76 -2.72 -37.69 -40.60
C VAL A 76 -2.21 -36.41 -41.27
N VAL A 77 -2.96 -35.33 -41.10
CA VAL A 77 -2.45 -34.03 -41.43
C VAL A 77 -2.45 -33.20 -40.13
N LEU A 78 -1.29 -32.70 -39.75
CA LEU A 78 -1.06 -32.00 -38.50
C LEU A 78 -0.65 -30.55 -38.72
N ASP A 79 -1.08 -29.67 -37.82
CA ASP A 79 -0.64 -28.27 -37.80
C ASP A 79 0.17 -28.12 -36.53
N GLY A 80 1.26 -27.36 -36.61
CA GLY A 80 2.08 -27.20 -35.45
C GLY A 80 3.28 -26.33 -35.68
N GLU A 81 4.19 -26.37 -34.71
CA GLU A 81 5.35 -25.51 -34.75
C GLU A 81 6.60 -26.32 -34.65
N ALA A 82 7.47 -26.18 -35.64
CA ALA A 82 8.84 -26.66 -35.57
C ALA A 82 9.61 -25.69 -34.69
N VAL A 83 10.38 -26.24 -33.78
CA VAL A 83 10.87 -25.48 -32.65
C VAL A 83 12.29 -25.91 -32.29
N VAL A 84 13.14 -24.98 -31.87
CA VAL A 84 14.46 -25.33 -31.29
C VAL A 84 14.52 -24.64 -29.95
N LEU A 85 14.68 -25.44 -28.90
CA LEU A 85 14.62 -24.94 -27.55
C LEU A 85 15.95 -24.29 -27.08
N ASP A 86 15.83 -23.29 -26.21
CA ASP A 86 16.98 -22.70 -25.54
C ASP A 86 17.36 -23.53 -24.30
N SER A 87 18.20 -23.00 -23.43
CA SER A 87 18.70 -23.82 -22.33
C SER A 87 17.73 -23.79 -21.14
N SER A 88 16.65 -23.05 -21.30
CA SER A 88 15.64 -23.01 -20.29
C SER A 88 14.46 -23.85 -20.75
N GLY A 89 14.58 -24.41 -21.96
CA GLY A 89 13.61 -25.35 -22.48
C GLY A 89 12.46 -24.69 -23.22
N VAL A 90 12.69 -23.43 -23.63
CA VAL A 90 11.66 -22.62 -24.25
C VAL A 90 12.02 -22.44 -25.73
N PRO A 91 11.05 -22.64 -26.64
CA PRO A 91 11.34 -22.43 -28.06
C PRO A 91 12.01 -21.08 -28.30
N SER A 92 12.93 -20.99 -29.25
CA SER A 92 13.65 -19.73 -29.45
C SER A 92 13.88 -19.43 -30.93
N PHE A 93 13.67 -18.18 -31.30
CA PHE A 93 13.77 -17.80 -32.68
C PHE A 93 15.23 -17.82 -33.12
N SER A 94 16.12 -17.31 -32.28
CA SER A 94 17.50 -17.24 -32.71
C SER A 94 18.17 -18.60 -32.68
N GLN A 95 17.64 -19.52 -31.87
CA GLN A 95 18.18 -20.86 -31.86
C GLN A 95 17.81 -21.54 -33.16
N GLN A 97 17.10 -19.88 -35.99
CA GLN A 97 17.83 -19.19 -37.03
C GLN A 97 19.26 -19.75 -37.15
N ASN A 98 19.89 -20.04 -36.01
CA ASN A 98 21.28 -20.51 -35.97
C ASN A 98 21.48 -22.01 -36.02
N ARG A 99 20.40 -22.71 -36.29
CA ARG A 99 20.37 -24.16 -36.41
C ARG A 99 21.48 -24.74 -37.30
N GLY A 100 22.11 -25.80 -36.80
CA GLY A 100 23.13 -26.55 -37.53
C GLY A 100 22.59 -27.91 -37.92
N ARG A 101 23.41 -28.73 -38.58
CA ARG A 101 22.95 -30.03 -39.13
C ARG A 101 22.47 -30.99 -38.03
N ASP A 102 23.07 -30.85 -36.85
CA ASP A 102 22.83 -31.77 -35.75
C ASP A 102 21.93 -31.23 -34.63
N THR A 103 21.46 -29.98 -34.76
CA THR A 103 20.68 -29.38 -33.66
C THR A 103 19.31 -30.02 -33.67
N ARG A 104 18.77 -30.27 -32.49
CA ARG A 104 17.50 -31.00 -32.39
C ARG A 104 16.37 -30.07 -32.67
N VAL A 105 15.53 -30.45 -33.63
CA VAL A 105 14.32 -29.71 -33.93
C VAL A 105 13.13 -30.52 -33.47
N GLU A 106 12.30 -29.96 -32.60
CA GLU A 106 11.05 -30.64 -32.20
C GLU A 106 9.84 -30.13 -32.98
N PHE A 107 8.86 -31.00 -33.15
CA PHE A 107 7.62 -30.56 -33.76
C PHE A 107 6.49 -30.56 -32.73
N TRP A 108 6.02 -29.38 -32.35
CA TRP A 108 4.98 -29.26 -31.33
C TRP A 108 3.65 -29.17 -32.03
N ALA A 109 2.88 -30.23 -31.94
CA ALA A 109 1.60 -30.28 -32.67
C ALA A 109 0.48 -29.59 -31.90
N PHE A 110 -0.36 -28.86 -32.63
CA PHE A 110 -1.50 -28.22 -32.03
C PHE A 110 -2.77 -28.22 -32.85
N ASP A 111 -2.79 -28.89 -33.99
CA ASP A 111 -4.06 -29.18 -34.64
C ASP A 111 -3.96 -30.42 -35.51
N LEU A 112 -5.14 -31.03 -35.74
CA LEU A 112 -5.27 -32.23 -36.54
C LEU A 112 -6.32 -31.93 -37.59
N LEU A 113 -5.91 -32.04 -38.86
CA LEU A 113 -6.75 -31.56 -39.95
C LEU A 113 -7.40 -32.72 -40.74
N TYR A 114 -6.82 -33.91 -40.58
CA TYR A 114 -7.25 -35.10 -41.28
C TYR A 114 -6.77 -36.29 -40.49
N LEU A 115 -7.66 -37.28 -40.29
CA LEU A 115 -7.34 -38.52 -39.59
C LEU A 115 -7.94 -39.76 -40.24
N ASP A 116 -7.07 -40.59 -40.82
CA ASP A 116 -7.42 -41.92 -41.27
C ASP A 116 -8.69 -41.94 -42.12
N GLY A 117 -8.75 -41.06 -43.13
CA GLY A 117 -9.92 -41.02 -44.00
C GLY A 117 -10.89 -39.90 -43.67
N ARG A 118 -10.82 -39.35 -42.48
CA ARG A 118 -11.77 -38.31 -42.08
C ARG A 118 -11.12 -36.93 -42.07
N ALA A 119 -11.69 -36.03 -42.87
CA ALA A 119 -11.29 -34.60 -42.92
C ALA A 119 -11.94 -33.83 -41.81
N LEU A 120 -11.20 -32.86 -41.24
CA LEU A 120 -11.58 -32.26 -39.96
C LEU A 120 -11.71 -30.75 -39.97
N LEU A 121 -11.61 -30.16 -41.15
CA LEU A 121 -11.75 -28.72 -41.29
C LEU A 121 -13.10 -28.24 -40.82
N GLY A 122 -14.14 -29.01 -41.11
CA GLY A 122 -15.48 -28.64 -40.64
C GLY A 122 -15.80 -29.07 -39.23
N THR A 123 -14.85 -29.67 -38.52
CA THR A 123 -15.09 -30.18 -37.19
C THR A 123 -14.65 -29.09 -36.22
N ARG A 124 -15.38 -28.92 -35.11
CA ARG A 124 -15.06 -27.86 -34.15
C ARG A 124 -13.85 -28.20 -33.32
N TYR A 125 -13.15 -27.16 -32.90
CA TYR A 125 -11.90 -27.29 -32.22
C TYR A 125 -11.92 -28.30 -31.08
N GLN A 126 -12.96 -28.22 -30.24
CA GLN A 126 -13.09 -29.11 -29.10
C GLN A 126 -12.87 -30.56 -29.49
N ASP A 127 -13.47 -30.94 -30.64
CA ASP A 127 -13.47 -32.32 -31.13
C ASP A 127 -12.18 -32.72 -31.83
N ARG A 128 -11.58 -31.79 -32.59
CA ARG A 128 -10.31 -32.00 -33.25
C ARG A 128 -9.25 -32.19 -32.20
N ARG A 129 -9.34 -31.39 -31.14
CA ARG A 129 -8.41 -31.42 -30.02
C ARG A 129 -8.47 -32.74 -29.28
N LYS A 130 -9.67 -33.27 -29.08
CA LYS A 130 -9.82 -34.57 -28.43
C LYS A 130 -9.12 -35.69 -29.22
N LEU A 131 -9.14 -35.59 -30.56
CA LEU A 131 -8.54 -36.60 -31.39
C LEU A 131 -7.03 -36.47 -31.38
N LEU A 132 -6.55 -35.24 -31.49
CA LEU A 132 -5.15 -34.93 -31.33
C LEU A 132 -4.58 -35.54 -30.06
N GLU A 133 -5.30 -35.41 -28.94
CA GLU A 133 -4.84 -35.99 -27.67
C GLU A 133 -4.76 -37.50 -27.73
N THR A 134 -5.73 -38.12 -28.35
CA THR A 134 -5.71 -39.55 -28.53
C THR A 134 -4.45 -39.99 -29.25
N LEU A 135 -4.09 -39.28 -30.32
CA LEU A 135 -2.86 -39.59 -31.06
C LEU A 135 -1.64 -39.46 -30.17
N ALA A 136 -1.62 -38.39 -29.41
CA ALA A 136 -0.54 -38.08 -28.53
C ALA A 136 -0.35 -39.15 -27.48
N ASN A 137 -1.47 -39.72 -27.00
CA ASN A 137 -1.40 -40.75 -25.97
C ASN A 137 -1.04 -42.14 -26.46
N ALA A 138 -1.23 -42.39 -27.76
CA ALA A 138 -1.03 -43.70 -28.40
C ALA A 138 0.28 -43.78 -29.18
N THR A 139 0.90 -42.62 -29.43
CA THR A 139 2.15 -42.57 -30.19
C THR A 139 3.06 -41.57 -29.54
N SER A 140 4.19 -41.26 -30.17
CA SER A 140 5.15 -40.34 -29.55
C SER A 140 5.03 -38.92 -30.04
N LEU A 141 3.95 -38.60 -30.74
CA LEU A 141 3.66 -37.25 -31.14
C LEU A 141 3.66 -36.33 -29.93
N THR A 142 4.39 -35.21 -30.01
CA THR A 142 4.42 -34.20 -28.96
C THR A 142 3.29 -33.22 -29.19
N VAL A 143 2.39 -33.16 -28.21
CA VAL A 143 1.26 -32.26 -28.27
C VAL A 143 1.31 -31.44 -26.99
N PRO A 144 1.78 -30.19 -27.08
CA PRO A 144 1.81 -29.51 -25.81
C PRO A 144 0.42 -29.42 -25.21
N GLU A 145 0.34 -29.53 -23.88
CA GLU A 145 -0.87 -29.39 -23.10
C GLU A 145 -1.51 -28.02 -23.13
N LEU A 146 -2.83 -28.01 -23.03
CA LEU A 146 -3.58 -26.77 -22.78
C LEU A 146 -3.32 -26.14 -21.40
N LEU A 147 -3.45 -24.81 -21.33
CA LEU A 147 -3.27 -24.09 -20.07
C LEU A 147 -4.58 -24.05 -19.29
N PRO A 148 -4.50 -24.31 -17.97
CA PRO A 148 -5.65 -24.34 -17.13
C PRO A 148 -6.19 -22.96 -16.81
N GLY A 149 -7.50 -22.90 -16.53
CA GLY A 149 -8.10 -21.71 -15.97
C GLY A 149 -8.74 -20.84 -17.02
N ASP A 150 -9.18 -19.67 -16.58
CA ASP A 150 -9.74 -18.70 -17.47
C ASP A 150 -8.56 -17.88 -18.04
N GLY A 151 -8.87 -16.86 -18.83
CA GLY A 151 -7.85 -16.11 -19.56
C GLY A 151 -6.64 -15.75 -18.74
N ALA A 152 -6.86 -15.04 -17.64
CA ALA A 152 -5.79 -14.51 -16.80
C ALA A 152 -4.92 -15.60 -16.21
N GLN A 153 -5.55 -16.67 -15.71
N GLN A 153 -5.55 -16.67 -15.73
CA GLN A 153 -4.83 -17.79 -15.10
CA GLN A 153 -4.84 -17.78 -15.10
C GLN A 153 -3.96 -18.45 -16.15
C GLN A 153 -4.01 -18.57 -16.10
N ALA A 154 -4.55 -18.72 -17.32
CA ALA A 154 -3.79 -19.34 -18.42
C ALA A 154 -2.60 -18.46 -18.79
N PHE A 155 -2.81 -17.16 -18.89
CA PHE A 155 -1.75 -16.22 -19.21
C PHE A 155 -0.60 -16.37 -18.18
N ALA A 156 -0.94 -16.45 -16.89
CA ALA A 156 0.05 -16.57 -15.82
C ALA A 156 0.82 -17.88 -15.86
N CYS A 157 0.11 -18.98 -16.11
N CYS A 157 0.13 -18.99 -16.13
CA CYS A 157 0.74 -20.27 -16.40
CA CYS A 157 0.81 -20.26 -16.35
C CYS A 157 1.80 -20.17 -17.50
C CYS A 157 1.78 -20.24 -17.54
N SER A 158 1.43 -19.55 -18.61
CA SER A 158 2.30 -19.40 -19.80
C SER A 158 3.56 -18.69 -19.36
N ARG A 159 3.39 -17.60 -18.62
CA ARG A 159 4.48 -16.87 -18.06
C ARG A 159 5.39 -17.75 -17.22
N LYS A 160 4.80 -18.59 -16.38
CA LYS A 160 5.59 -19.45 -15.50
C LYS A 160 6.43 -20.51 -16.24
N HIS A 161 5.95 -20.92 -17.42
CA HIS A 161 6.71 -21.76 -18.31
C HIS A 161 7.80 -21.00 -19.02
N GLY A 162 7.88 -19.70 -18.86
CA GLY A 162 8.88 -18.91 -19.58
C GLY A 162 8.42 -18.61 -21.00
N TRP A 163 7.16 -18.91 -21.29
CA TRP A 163 6.63 -18.76 -22.63
C TRP A 163 6.26 -17.35 -22.97
N GLU A 164 6.24 -17.07 -24.26
CA GLU A 164 6.04 -15.71 -24.74
C GLU A 164 4.63 -15.21 -24.55
N GLY A 165 3.65 -16.11 -24.48
CA GLY A 165 2.24 -15.69 -24.45
C GLY A 165 1.28 -16.82 -24.63
N VAL A 166 0.05 -16.50 -25.05
CA VAL A 166 -1.01 -17.47 -25.19
C VAL A 166 -1.67 -17.28 -26.56
N ILE A 167 -2.02 -18.39 -27.22
CA ILE A 167 -3.05 -18.32 -28.25
C ILE A 167 -4.33 -18.96 -27.71
N ALA A 168 -5.37 -18.15 -27.67
CA ALA A 168 -6.68 -18.59 -27.27
C ALA A 168 -7.44 -18.97 -28.53
N LYS A 169 -8.04 -20.18 -28.54
CA LYS A 169 -8.84 -20.66 -29.67
C LYS A 169 -10.26 -21.06 -29.24
N ARG A 170 -11.25 -20.59 -29.97
N ARG A 170 -11.26 -20.58 -29.96
CA ARG A 170 -12.65 -20.90 -29.66
CA ARG A 170 -12.65 -20.90 -29.65
C ARG A 170 -12.96 -22.41 -29.78
C ARG A 170 -12.90 -22.42 -29.75
N ARG A 171 -13.46 -22.98 -28.70
CA ARG A 171 -13.76 -24.42 -28.66
C ARG A 171 -14.80 -24.82 -29.72
N ASP A 172 -15.62 -23.88 -30.16
CA ASP A 172 -16.65 -24.19 -31.14
C ASP A 172 -16.25 -23.94 -32.57
N SER A 173 -14.98 -23.59 -32.78
CA SER A 173 -14.53 -23.01 -34.05
C SER A 173 -13.97 -24.03 -35.02
N ARG A 174 -14.22 -23.80 -36.29
CA ARG A 174 -13.68 -24.65 -37.33
C ARG A 174 -12.31 -24.18 -37.78
N TYR A 175 -11.64 -24.97 -38.60
CA TYR A 175 -10.34 -24.60 -39.12
C TYR A 175 -10.51 -23.95 -40.47
N GLN A 176 -10.04 -22.70 -40.59
CA GLN A 176 -10.15 -21.92 -41.82
C GLN A 176 -8.78 -21.72 -42.45
N PRO A 177 -8.38 -22.61 -43.36
CA PRO A 177 -7.03 -22.53 -43.92
C PRO A 177 -6.77 -21.20 -44.58
N GLY A 178 -5.58 -20.63 -44.36
CA GLY A 178 -5.18 -19.37 -44.96
C GLY A 178 -5.83 -18.12 -44.41
N ARG A 179 -6.68 -18.23 -43.40
CA ARG A 179 -7.40 -17.06 -42.92
C ARG A 179 -7.00 -16.63 -41.54
N ARG A 180 -6.85 -15.31 -41.37
CA ARG A 180 -6.67 -14.70 -40.06
C ARG A 180 -8.07 -14.56 -39.46
N CYS A 181 -8.31 -15.23 -38.33
CA CYS A 181 -9.66 -15.33 -37.80
C CYS A 181 -9.77 -14.81 -36.40
N ALA A 182 -10.97 -14.27 -36.09
CA ALA A 182 -11.25 -13.71 -34.78
C ALA A 182 -11.42 -14.83 -33.73
N SER A 183 -11.56 -16.06 -34.20
CA SER A 183 -11.69 -17.19 -33.28
C SER A 183 -10.35 -17.72 -32.78
N TRP A 184 -9.26 -17.10 -33.24
CA TRP A 184 -7.93 -17.34 -32.69
C TRP A 184 -7.36 -16.00 -32.30
N VAL A 185 -7.03 -15.83 -31.02
CA VAL A 185 -6.53 -14.55 -30.48
C VAL A 185 -5.16 -14.78 -29.85
N LYS A 186 -4.16 -14.05 -30.32
CA LYS A 186 -2.80 -14.21 -29.81
C LYS A 186 -2.40 -13.00 -29.00
N ASP A 187 -1.71 -13.25 -27.89
CA ASP A 187 -1.51 -12.25 -26.83
C ASP A 187 -0.15 -12.59 -26.21
N LYS A 188 0.75 -11.62 -26.22
CA LYS A 188 2.09 -11.78 -25.68
C LYS A 188 2.17 -11.06 -24.36
N HIS A 189 2.87 -11.65 -23.39
CA HIS A 189 3.09 -11.01 -22.12
C HIS A 189 3.64 -9.63 -22.28
N TRP A 190 4.73 -9.51 -23.05
CA TRP A 190 5.38 -8.21 -23.31
C TRP A 190 5.20 -7.71 -24.74
N ASN A 191 4.82 -6.45 -24.85
CA ASN A 191 4.66 -5.78 -26.14
C ASN A 191 5.47 -4.44 -26.22
N THR A 192 5.55 -3.86 -27.41
CA THR A 192 6.32 -2.64 -27.63
C THR A 192 5.48 -1.56 -28.30
N GLN A 193 5.68 -0.31 -27.88
CA GLN A 193 4.93 0.83 -28.44
C GLN A 193 5.84 2.02 -28.50
N GLU A 194 5.73 2.76 -29.60
CA GLU A 194 6.39 4.06 -29.71
C GLU A 194 5.52 5.10 -29.07
N VAL A 195 6.15 6.03 -28.36
CA VAL A 195 5.44 7.10 -27.73
C VAL A 195 6.16 8.43 -27.92
N VAL A 196 5.39 9.51 -27.73
CA VAL A 196 5.95 10.85 -27.80
C VAL A 196 6.01 11.30 -26.35
N ILE A 197 7.11 11.94 -26.00
CA ILE A 197 7.31 12.45 -24.67
C ILE A 197 6.70 13.85 -24.63
N GLY A 198 5.77 14.03 -23.70
CA GLY A 198 5.09 15.31 -23.55
C GLY A 198 5.54 16.10 -22.34
N GLY A 199 6.31 15.46 -21.46
CA GLY A 199 6.77 16.11 -20.25
C GLY A 199 7.50 15.15 -19.33
N TRP A 200 7.94 15.65 -18.18
CA TRP A 200 8.37 14.79 -17.09
C TRP A 200 7.81 15.27 -15.77
N ARG A 201 7.97 14.46 -14.73
CA ARG A 201 7.34 14.68 -13.44
C ARG A 201 8.32 14.40 -12.29
N ALA A 202 8.13 15.09 -11.16
CA ALA A 202 8.91 14.85 -9.96
C ALA A 202 8.59 13.47 -9.42
N VAL A 211 13.31 14.12 -10.74
CA VAL A 211 12.69 13.36 -11.82
C VAL A 211 12.38 11.95 -11.33
N GLY A 212 11.16 11.49 -11.59
CA GLY A 212 10.71 10.14 -11.26
C GLY A 212 10.21 9.40 -12.49
N SER A 213 9.64 10.14 -13.43
CA SER A 213 9.03 9.52 -14.60
C SER A 213 8.87 10.49 -15.77
N LEU A 214 8.52 9.93 -16.93
CA LEU A 214 8.28 10.68 -18.17
C LEU A 214 6.84 10.49 -18.61
N LEU A 215 6.29 11.49 -19.29
CA LEU A 215 4.90 11.43 -19.72
C LEU A 215 4.79 11.08 -21.19
N GLY A 217 2.60 10.05 -24.77
CA GLY A 217 1.36 10.25 -25.49
C GLY A 217 1.35 9.75 -26.92
N ILE A 218 0.16 9.55 -27.46
CA ILE A 218 -0.03 9.21 -28.85
C ILE A 218 -0.68 10.39 -29.58
N PRO A 219 -0.03 10.88 -30.65
CA PRO A 219 -0.60 11.91 -31.48
C PRO A 219 -2.06 11.61 -31.87
N GLY A 220 -2.92 12.62 -31.80
CA GLY A 220 -4.31 12.45 -32.19
C GLY A 220 -4.85 13.80 -32.56
N PRO A 221 -6.16 13.84 -32.89
CA PRO A 221 -6.88 15.08 -33.07
C PRO A 221 -6.67 16.04 -31.88
N GLY A 222 -6.13 17.21 -32.15
CA GLY A 222 -5.97 18.24 -31.13
C GLY A 222 -4.76 18.10 -30.20
N GLY A 223 -3.90 17.11 -30.46
CA GLY A 223 -2.69 16.96 -29.67
C GLY A 223 -2.48 15.53 -29.25
N LEU A 224 -1.60 15.34 -28.28
CA LEU A 224 -1.25 14.02 -27.74
C LEU A 224 -2.37 13.44 -26.89
N GLN A 225 -2.70 12.17 -27.15
CA GLN A 225 -3.51 11.39 -26.23
C GLN A 225 -2.63 10.75 -25.17
N PHE A 226 -2.86 11.10 -23.92
CA PHE A 226 -2.05 10.65 -22.79
C PHE A 226 -2.06 9.15 -22.57
N ALA A 227 -0.85 8.58 -22.52
CA ALA A 227 -0.63 7.13 -22.53
C ALA A 227 -0.13 6.56 -21.19
N GLY A 228 0.07 7.42 -20.19
CA GLY A 228 0.61 7.00 -18.90
C GLY A 228 2.01 7.56 -18.71
N ARG A 229 2.68 7.10 -17.65
CA ARG A 229 4.02 7.53 -17.29
C ARG A 229 4.99 6.36 -17.24
N VAL A 230 6.27 6.65 -17.47
CA VAL A 230 7.32 5.65 -17.53
C VAL A 230 8.57 6.10 -16.76
N GLY A 231 9.06 5.21 -15.90
CA GLY A 231 10.20 5.49 -15.02
C GLY A 231 10.66 4.18 -14.41
N THR A 232 10.08 3.08 -14.94
CA THR A 232 10.65 1.74 -14.80
C THR A 232 11.64 1.56 -15.95
N GLY A 233 12.61 0.65 -15.76
CA GLY A 233 13.64 0.37 -16.75
C GLY A 233 14.78 1.36 -16.63
N LEU A 234 14.77 2.16 -15.55
CA LEU A 234 15.82 3.14 -15.29
C LEU A 234 15.89 3.60 -13.83
N SER A 235 17.08 4.08 -13.46
CA SER A 235 17.46 4.47 -12.09
C SER A 235 17.56 6.00 -11.92
N GLU A 236 17.85 6.45 -10.69
CA GLU A 236 17.91 7.89 -10.39
C GLU A 236 19.00 8.70 -11.13
N ARG A 237 20.09 8.04 -11.54
CA ARG A 237 21.17 8.69 -12.30
C ARG A 237 20.72 8.96 -13.73
N GLU A 238 20.17 7.93 -14.35
CA GLU A 238 19.63 8.00 -15.70
C GLU A 238 18.50 9.01 -15.81
N LEU A 239 17.66 9.11 -14.78
CA LEU A 239 16.58 10.10 -14.73
C LEU A 239 17.09 11.54 -14.77
N ALA A 240 18.13 11.82 -13.98
CA ALA A 240 18.80 13.12 -13.97
C ALA A 240 19.32 13.49 -15.37
N ASN A 241 19.90 12.51 -16.07
CA ASN A 241 20.33 12.68 -17.44
C ASN A 241 19.21 13.12 -18.39
N LEU A 242 18.09 12.40 -18.40
CA LEU A 242 16.93 12.79 -19.21
C LEU A 242 16.46 14.23 -18.92
N LYS A 243 16.45 14.63 -17.64
CA LYS A 243 16.11 16.00 -17.27
C LYS A 243 17.04 17.01 -17.95
N GLU A 244 18.34 16.67 -18.02
CA GLU A 244 19.34 17.49 -18.68
C GLU A 244 19.05 17.57 -20.19
N LEU A 246 16.43 17.04 -21.91
CA LEU A 246 15.08 17.48 -22.33
C LEU A 246 14.80 18.96 -22.06
N ALA A 247 15.63 19.60 -21.25
CA ALA A 247 15.49 21.03 -20.91
C ALA A 247 15.41 21.97 -22.12
N PRO A 248 16.28 21.75 -23.14
CA PRO A 248 16.24 22.60 -24.33
C PRO A 248 14.83 22.69 -24.94
N LEU A 249 13.95 21.76 -24.56
CA LEU A 249 12.64 21.65 -25.18
C LEU A 249 11.42 22.09 -24.32
N HIS A 250 11.62 22.92 -23.29
CA HIS A 250 10.48 23.46 -22.48
C HIS A 250 9.50 24.23 -23.36
N THR A 251 8.23 24.17 -22.98
CA THR A 251 7.20 24.76 -23.82
C THR A 251 6.22 25.55 -23.01
N ASP A 252 5.44 26.37 -23.72
CA ASP A 252 4.35 27.19 -23.18
C ASP A 252 2.92 26.70 -23.53
N GLU A 253 2.84 25.65 -24.33
CA GLU A 253 1.57 25.03 -24.63
C GLU A 253 1.69 23.57 -24.14
N SER A 254 0.62 23.03 -23.56
CA SER A 254 0.61 21.59 -23.28
C SER A 254 0.44 20.84 -24.60
N PRO A 255 1.22 19.77 -24.80
CA PRO A 255 1.07 18.98 -26.02
C PRO A 255 -0.14 18.03 -26.00
N PHE A 256 -0.82 17.89 -24.85
CA PHE A 256 -1.97 16.99 -24.73
C PHE A 256 -3.27 17.67 -25.14
N ASP A 257 -4.16 16.89 -25.76
CA ASP A 257 -5.41 17.37 -26.37
C ASP A 257 -6.35 17.92 -25.33
N VAL A 258 -6.12 17.48 -24.10
CA VAL A 258 -7.08 17.57 -23.02
C VAL A 258 -6.32 17.65 -21.69
N PRO A 259 -6.81 18.42 -20.70
CA PRO A 259 -6.12 18.48 -19.42
C PRO A 259 -5.73 17.08 -18.88
N LEU A 260 -4.55 16.94 -18.28
CA LEU A 260 -4.09 15.67 -17.72
C LEU A 260 -4.85 15.41 -16.46
N PRO A 261 -5.03 14.14 -16.08
CA PRO A 261 -5.60 13.83 -14.74
C PRO A 261 -4.76 14.45 -13.61
N ALA A 262 -5.41 14.74 -12.48
CA ALA A 262 -4.79 15.50 -11.38
C ALA A 262 -3.50 14.90 -10.79
N ARG A 263 -3.53 13.59 -10.52
CA ARG A 263 -2.34 12.88 -10.04
C ARG A 263 -1.15 13.16 -10.97
N ASP A 264 -1.36 12.99 -12.27
CA ASP A 264 -0.32 13.17 -13.30
C ASP A 264 0.07 14.61 -13.56
N ALA A 265 -0.80 15.55 -13.21
CA ALA A 265 -0.50 16.99 -13.39
C ALA A 265 0.41 17.56 -12.31
N LYS A 266 0.47 16.91 -11.14
CA LYS A 266 1.26 17.42 -10.02
C LYS A 266 2.77 17.33 -10.29
N GLY A 267 3.42 18.50 -10.32
CA GLY A 267 4.88 18.60 -10.47
C GLY A 267 5.35 18.20 -11.85
N ILE A 268 4.70 18.76 -12.86
CA ILE A 268 4.92 18.44 -14.26
C ILE A 268 5.73 19.54 -14.98
N THR A 269 6.59 19.17 -15.93
CA THR A 269 7.21 20.13 -16.84
C THR A 269 6.93 19.64 -18.25
N TYR A 270 6.16 20.41 -19.00
CA TYR A 270 5.84 20.06 -20.37
C TYR A 270 7.09 20.29 -21.23
N VAL A 271 7.28 19.47 -22.26
CA VAL A 271 8.31 19.74 -23.26
C VAL A 271 7.60 19.75 -24.60
N LYS A 272 8.26 20.28 -25.62
CA LYS A 272 7.70 20.25 -26.95
C LYS A 272 7.58 18.78 -27.38
N PRO A 273 6.46 18.39 -28.06
CA PRO A 273 6.27 16.98 -28.39
C PRO A 273 7.12 16.59 -29.61
N ALA A 274 8.42 16.59 -29.41
CA ALA A 274 9.39 16.50 -30.48
C ALA A 274 10.02 15.12 -30.54
N LEU A 275 9.99 14.41 -29.40
CA LEU A 275 10.79 13.21 -29.24
C LEU A 275 9.95 11.95 -29.07
N VAL A 276 10.35 10.92 -29.82
CA VAL A 276 9.79 9.59 -29.77
C VAL A 276 10.67 8.67 -28.88
N ALA A 277 10.01 7.91 -28.04
CA ALA A 277 10.68 6.85 -27.29
C ALA A 277 10.06 5.52 -27.68
N GLU A 278 10.80 4.45 -27.46
CA GLU A 278 10.21 3.13 -27.52
C GLU A 278 10.05 2.69 -26.10
N VAL A 279 8.89 2.09 -25.77
CA VAL A 279 8.66 1.50 -24.47
C VAL A 279 8.14 0.07 -24.52
N ARG A 280 8.51 -0.75 -23.53
CA ARG A 280 7.95 -2.09 -23.36
C ARG A 280 6.78 -1.94 -22.42
N TYR A 281 5.74 -2.74 -22.61
CA TYR A 281 4.55 -2.65 -21.75
C TYR A 281 3.76 -3.97 -21.82
N SER A 282 2.85 -4.19 -20.89
CA SER A 282 2.07 -5.41 -20.90
C SER A 282 0.88 -5.22 -21.81
N GLU A 283 -0.14 -4.48 -21.38
CA GLU A 283 -1.34 -4.31 -22.20
C GLU A 283 -1.85 -2.89 -22.10
N TRP A 284 -2.81 -2.56 -22.97
CA TRP A 284 -3.50 -1.30 -22.90
C TRP A 284 -4.62 -1.32 -21.84
N THR A 285 -4.92 -0.15 -21.29
CA THR A 285 -6.07 -0.01 -20.40
C THR A 285 -7.24 0.49 -21.24
N PRO A 286 -8.49 0.24 -20.77
CA PRO A 286 -9.66 0.78 -21.47
C PRO A 286 -9.56 2.27 -21.81
N GLU A 287 -8.91 3.08 -20.98
CA GLU A 287 -8.79 4.52 -21.28
C GLU A 287 -7.52 4.92 -22.05
N GLY A 288 -6.93 3.98 -22.80
CA GLY A 288 -5.82 4.28 -23.69
C GLY A 288 -4.45 4.49 -23.03
N ARG A 289 -4.24 3.86 -21.89
CA ARG A 289 -3.00 3.93 -21.16
C ARG A 289 -2.21 2.63 -21.32
N LEU A 290 -0.89 2.70 -21.11
CA LEU A 290 -0.01 1.55 -21.23
C LEU A 290 0.40 1.04 -19.86
N ARG A 291 -0.04 -0.17 -19.52
CA ARG A 291 0.30 -0.82 -18.26
C ARG A 291 1.71 -1.38 -18.25
N GLN A 292 2.36 -1.29 -17.10
CA GLN A 292 3.68 -1.86 -16.83
C GLN A 292 4.72 -1.41 -17.82
N SER A 293 4.74 -0.10 -18.06
CA SER A 293 5.72 0.52 -18.92
C SER A 293 7.15 0.33 -18.43
N SER A 294 8.06 0.06 -19.35
CA SER A 294 9.48 0.27 -19.08
C SER A 294 10.18 0.89 -20.27
N TRP A 295 11.26 1.60 -19.95
CA TRP A 295 11.96 2.48 -20.86
C TRP A 295 12.80 1.65 -21.80
N ARG A 296 12.76 1.98 -23.10
N ARG A 296 12.75 1.97 -23.10
CA ARG A 296 13.57 1.25 -24.07
CA ARG A 296 13.56 1.22 -24.07
C ARG A 296 14.39 2.19 -24.93
C ARG A 296 14.38 2.19 -24.93
N GLY A 297 14.39 3.46 -24.53
CA GLY A 297 15.26 4.46 -25.13
C GLY A 297 14.59 5.43 -26.05
N LEU A 298 15.16 6.63 -26.16
CA LEU A 298 14.70 7.56 -27.20
C LEU A 298 14.96 6.95 -28.54
N ARG A 299 14.19 7.37 -29.53
CA ARG A 299 14.39 6.97 -30.92
C ARG A 299 14.49 8.25 -31.73
N PRO A 300 15.66 8.90 -31.71
CA PRO A 300 15.87 10.21 -32.36
C PRO A 300 15.47 10.35 -33.82
N ASP A 301 15.57 9.29 -34.64
CA ASP A 301 15.25 9.48 -36.07
C ASP A 301 13.79 9.25 -36.44
N LYS A 302 12.96 9.00 -35.42
CA LYS A 302 11.54 8.75 -35.63
C LYS A 302 10.72 10.01 -35.45
N LYS A 303 9.62 10.08 -36.21
CA LYS A 303 8.80 11.28 -36.32
C LYS A 303 7.59 11.18 -35.43
N PRO A 304 7.35 12.18 -34.56
CA PRO A 304 6.11 12.11 -33.79
C PRO A 304 4.86 11.89 -34.66
N SER A 305 4.88 12.43 -35.87
CA SER A 305 3.67 12.50 -36.68
C SER A 305 3.26 11.12 -37.19
N GLU A 306 4.21 10.18 -37.13
CA GLU A 306 3.99 8.81 -37.58
C GLU A 306 3.91 7.85 -36.41
N VAL A 307 3.88 8.38 -35.20
CA VAL A 307 3.57 7.55 -34.04
C VAL A 307 2.10 7.19 -34.06
N VAL A 308 1.83 5.91 -33.94
CA VAL A 308 0.51 5.39 -34.13
C VAL A 308 0.31 4.24 -33.14
N ARG A 309 -0.92 4.05 -32.65
CA ARG A 309 -1.21 2.92 -31.79
C ARG A 309 -1.05 1.67 -32.64
N GLU A 310 -0.07 0.87 -32.26
CA GLU A 310 0.36 -0.29 -33.03
C GLU A 310 -0.46 -1.48 -32.60
N PHE B 4 13.50 -14.90 23.75
CA PHE B 4 13.12 -13.65 23.04
C PHE B 4 12.58 -13.93 21.62
N GLU B 5 11.31 -13.60 21.38
CA GLU B 5 10.68 -13.82 20.09
C GLU B 5 9.85 -12.60 19.71
N PHE B 6 10.19 -11.94 18.61
CA PHE B 6 9.49 -10.74 18.14
C PHE B 6 7.98 -10.97 17.89
N ASP B 7 7.62 -12.13 17.38
CA ASP B 7 6.20 -12.48 17.12
C ASP B 7 5.34 -12.57 18.36
N ASN B 8 5.98 -12.60 19.53
CA ASN B 8 5.28 -12.84 20.80
C ASN B 8 5.19 -11.56 21.62
N LEU B 9 5.32 -10.43 20.95
CA LEU B 9 5.70 -9.23 21.62
C LEU B 9 4.65 -8.16 21.49
N ALA B 10 4.23 -7.65 22.64
CA ALA B 10 3.33 -6.53 22.66
C ALA B 10 4.05 -5.41 23.42
N PRO B 11 3.75 -4.15 23.10
CA PRO B 11 4.38 -3.04 23.80
C PRO B 11 3.97 -2.92 25.26
N LEU B 13 2.86 -0.75 28.55
CA LEU B 13 1.86 0.32 28.62
C LEU B 13 1.96 1.21 29.87
N ALA B 14 1.61 2.48 29.71
CA ALA B 14 1.71 3.44 30.80
C ALA B 14 0.47 3.57 31.69
N THR B 15 0.70 3.96 32.93
CA THR B 15 -0.36 4.23 33.85
C THR B 15 -0.73 5.71 33.80
N HIS B 16 -2.03 5.99 33.85
CA HIS B 16 -2.52 7.36 33.91
C HIS B 16 -2.19 7.88 35.31
N GLY B 17 -1.62 9.08 35.38
CA GLY B 17 -1.11 9.64 36.63
C GLY B 17 -0.38 10.97 36.50
N THR B 18 0.20 11.44 37.59
CA THR B 18 0.82 12.76 37.66
C THR B 18 2.35 12.69 37.74
N VAL B 19 3.00 13.67 37.12
CA VAL B 19 4.45 13.73 37.01
C VAL B 19 5.07 14.84 37.85
N ALA B 20 4.25 15.75 38.39
CA ALA B 20 4.77 16.93 39.05
C ALA B 20 5.62 16.61 40.29
N GLY B 21 5.28 15.55 41.03
CA GLY B 21 6.01 15.19 42.25
C GLY B 21 7.27 14.38 42.03
N LEU B 22 7.63 14.20 40.76
CA LEU B 22 8.52 13.12 40.37
C LEU B 22 9.96 13.55 40.08
N LYS B 23 10.88 12.87 40.74
CA LYS B 23 12.26 13.34 40.80
C LYS B 23 13.21 12.66 39.80
N ALA B 24 13.83 13.49 38.95
CA ALA B 24 14.82 13.09 37.94
C ALA B 24 15.80 12.00 38.40
N SER B 25 16.05 11.94 39.70
CA SER B 25 16.92 10.93 40.27
C SER B 25 16.43 9.51 39.92
N GLN B 26 15.10 9.34 39.93
CA GLN B 26 14.45 8.05 39.72
C GLN B 26 13.74 7.87 38.38
N TRP B 27 13.37 8.98 37.73
CA TRP B 27 12.52 8.97 36.56
C TRP B 27 13.12 9.72 35.39
N ALA B 28 13.02 9.12 34.21
CA ALA B 28 13.32 9.78 32.98
C ALA B 28 12.02 10.39 32.44
N PHE B 29 12.11 11.56 31.81
CA PHE B 29 10.90 12.19 31.29
C PHE B 29 10.92 12.30 29.79
N GLU B 30 9.88 11.78 29.17
CA GLU B 30 9.79 11.77 27.73
C GLU B 30 8.60 12.57 27.25
N GLY B 31 8.76 13.21 26.10
CA GLY B 31 7.65 13.87 25.46
C GLY B 31 6.60 12.85 25.07
N TRP B 33 3.18 11.65 22.48
CA TRP B 33 2.63 12.30 21.27
C TRP B 33 1.56 11.40 20.76
N ASP B 34 0.74 11.88 19.87
CA ASP B 34 -0.24 11.03 19.29
C ASP B 34 0.30 10.46 17.99
N GLY B 35 0.13 9.17 17.85
CA GLY B 35 0.61 8.48 16.67
C GLY B 35 0.22 7.04 16.83
N TYR B 36 0.85 6.15 16.08
CA TYR B 36 0.55 4.74 16.19
C TYR B 36 1.72 4.09 16.87
N ARG B 37 1.47 3.43 17.99
CA ARG B 37 2.51 2.67 18.67
C ARG B 37 2.97 1.52 17.76
N LEU B 38 4.29 1.45 17.50
CA LEU B 38 4.88 0.37 16.66
C LEU B 38 6.08 -0.32 17.30
N LEU B 39 6.14 -1.65 17.14
CA LEU B 39 7.37 -2.39 17.40
C LEU B 39 7.96 -2.75 16.07
N VAL B 40 9.24 -2.41 15.91
CA VAL B 40 9.99 -2.50 14.67
C VAL B 40 11.15 -3.49 14.82
N GLU B 41 11.24 -4.44 13.90
CA GLU B 41 12.41 -5.28 13.83
C GLU B 41 13.21 -4.89 12.59
N ALA B 42 14.37 -4.32 12.80
CA ALA B 42 15.28 -4.06 11.70
C ALA B 42 16.40 -5.07 11.85
N ASP B 43 16.36 -6.10 11.02
CA ASP B 43 17.31 -7.20 11.04
C ASP B 43 18.25 -7.12 9.87
N HIS B 44 19.37 -6.43 10.01
CA HIS B 44 20.39 -6.41 8.97
C HIS B 44 19.82 -5.99 7.60
N GLY B 45 18.85 -5.06 7.62
CA GLY B 45 18.30 -4.46 6.39
C GLY B 45 16.86 -4.81 6.19
N ALA B 46 16.43 -5.91 6.80
CA ALA B 46 15.09 -6.41 6.68
C ALA B 46 14.23 -5.76 7.75
N VAL B 47 12.95 -5.53 7.41
CA VAL B 47 12.03 -4.90 8.34
C VAL B 47 10.73 -5.67 8.52
N ARG B 48 10.24 -5.69 9.75
CA ARG B 48 8.95 -6.22 10.08
C ARG B 48 8.42 -5.30 11.15
N LEU B 49 7.11 -5.02 11.10
CA LEU B 49 6.44 -4.08 12.01
C LEU B 49 5.27 -4.75 12.69
N ARG B 50 5.07 -4.47 13.97
CA ARG B 50 3.91 -4.91 14.71
C ARG B 50 3.20 -3.75 15.36
N SER B 51 1.87 -3.78 15.29
N SER B 51 1.87 -3.78 15.27
CA SER B 51 1.02 -2.83 15.95
CA SER B 51 1.02 -2.81 15.93
C SER B 51 0.88 -3.19 17.41
C SER B 51 0.99 -3.13 17.42
N ARG B 52 0.36 -2.26 18.20
CA ARG B 52 0.18 -2.47 19.64
C ARG B 52 -0.67 -3.69 19.90
N SER B 53 -1.51 -4.01 18.91
CA SER B 53 -2.46 -5.09 19.04
C SER B 53 -1.93 -6.37 18.41
N GLY B 54 -0.64 -6.34 18.03
CA GLY B 54 0.11 -7.49 17.58
C GLY B 54 -0.04 -7.85 16.10
N ARG B 55 -0.70 -7.00 15.32
CA ARG B 55 -0.87 -7.25 13.91
C ARG B 55 0.44 -7.01 13.17
N ASP B 56 0.69 -7.85 12.16
CA ASP B 56 1.77 -7.62 11.25
C ASP B 56 1.39 -6.46 10.36
N VAL B 57 1.96 -5.29 10.60
CA VAL B 57 1.62 -4.16 9.77
C VAL B 57 2.77 -3.71 8.89
N THR B 58 3.64 -4.67 8.58
CA THR B 58 4.82 -4.39 7.77
C THR B 58 4.43 -3.72 6.47
N ALA B 59 3.46 -4.31 5.76
CA ALA B 59 3.07 -3.82 4.43
C ALA B 59 2.54 -2.38 4.42
N GLU B 60 2.18 -1.86 5.59
CA GLU B 60 1.53 -0.54 5.70
C GLU B 60 2.45 0.66 5.81
N TYR B 61 3.75 0.44 6.01
CA TYR B 61 4.70 1.54 6.17
C TYR B 61 5.96 1.28 5.37
N PRO B 62 5.84 1.28 4.04
CA PRO B 62 7.01 0.90 3.27
C PRO B 62 8.19 1.89 3.36
N GLN B 63 7.99 3.10 3.92
CA GLN B 63 9.11 4.06 4.03
C GLN B 63 10.01 3.77 5.22
N LEU B 64 9.51 2.92 6.13
CA LEU B 64 10.32 2.41 7.21
C LEU B 64 11.35 1.35 6.79
N ARG B 65 11.26 0.88 5.54
CA ARG B 65 12.32 0.06 4.96
C ARG B 65 13.62 0.82 4.97
N ALA B 66 13.53 2.15 4.80
CA ALA B 66 14.69 3.04 4.72
C ALA B 66 15.40 3.10 6.05
N LEU B 67 14.60 3.06 7.11
CA LEU B 67 15.14 2.97 8.46
C LEU B 67 15.95 1.70 8.71
N ALA B 68 15.35 0.53 8.43
CA ALA B 68 16.04 -0.76 8.55
C ALA B 68 17.35 -0.85 7.75
N GLU B 69 17.36 -0.22 6.57
CA GLU B 69 18.51 -0.20 5.71
C GLU B 69 19.65 0.63 6.32
N ASP B 70 19.30 1.78 6.90
CA ASP B 70 20.21 2.62 7.63
C ASP B 70 20.83 1.83 8.76
N LEU B 71 19.98 1.04 9.40
CA LEU B 71 20.38 0.24 10.53
C LEU B 71 20.99 -1.12 10.11
N ALA B 72 21.29 -1.32 8.83
CA ALA B 72 21.77 -2.62 8.34
C ALA B 72 23.00 -3.28 9.02
N ASP B 73 23.80 -2.54 9.79
CA ASP B 73 24.89 -3.18 10.50
C ASP B 73 24.35 -4.04 11.62
N HIS B 74 23.09 -3.83 11.97
CA HIS B 74 22.56 -4.31 13.22
C HIS B 74 21.29 -5.11 13.07
N HIS B 75 21.00 -5.90 14.08
CA HIS B 75 19.70 -6.52 14.25
C HIS B 75 19.16 -5.93 15.55
N VAL B 76 18.10 -5.12 15.45
CA VAL B 76 17.50 -4.44 16.60
C VAL B 76 15.98 -4.67 16.64
N VAL B 77 15.41 -4.53 17.84
CA VAL B 77 13.98 -4.44 18.00
C VAL B 77 13.77 -3.13 18.72
N LEU B 78 12.95 -2.27 18.11
CA LEU B 78 12.66 -0.93 18.56
C LEU B 78 11.21 -0.78 18.95
N ASP B 79 10.96 0.01 19.99
CA ASP B 79 9.63 0.47 20.43
C ASP B 79 9.56 1.95 20.15
N GLY B 80 8.46 2.40 19.58
CA GLY B 80 8.35 3.81 19.28
C GLY B 80 6.98 4.23 18.80
N GLU B 81 6.96 5.42 18.21
CA GLU B 81 5.72 5.99 17.73
C GLU B 81 5.86 6.41 16.28
N ALA B 82 5.03 5.83 15.41
CA ALA B 82 4.89 6.36 14.08
C ALA B 82 4.04 7.60 14.26
N VAL B 83 4.42 8.68 13.59
CA VAL B 83 3.96 9.99 13.93
C VAL B 83 3.82 10.78 12.61
N VAL B 84 2.87 11.72 12.55
CA VAL B 84 2.72 12.63 11.41
C VAL B 84 2.51 14.00 12.00
N LEU B 85 3.20 14.99 11.45
CA LEU B 85 3.39 16.31 12.07
C LEU B 85 2.47 17.45 11.60
N ASP B 86 2.05 18.23 12.59
CA ASP B 86 1.58 19.61 12.49
C ASP B 86 2.22 20.55 11.48
N SER B 87 1.68 21.78 11.46
CA SER B 87 2.39 22.95 10.98
C SER B 87 3.53 23.27 11.94
N SER B 88 3.30 23.05 13.23
CA SER B 88 4.31 23.38 14.23
C SER B 88 5.21 22.21 14.61
N GLY B 89 5.19 21.15 13.79
CA GLY B 89 6.09 20.01 13.96
C GLY B 89 5.76 19.13 15.17
N VAL B 90 4.51 19.17 15.59
CA VAL B 90 4.00 18.39 16.72
C VAL B 90 3.16 17.23 16.13
N PRO B 91 3.36 15.98 16.63
CA PRO B 91 2.55 14.85 16.14
C PRO B 91 1.07 15.07 16.28
N SER B 92 0.31 14.72 15.24
CA SER B 92 -1.12 14.98 15.27
C SER B 92 -1.96 13.73 15.00
N PHE B 93 -2.87 13.42 15.92
CA PHE B 93 -3.82 12.36 15.68
C PHE B 93 -4.55 12.57 14.35
N SER B 94 -5.08 13.75 14.06
CA SER B 94 -5.89 13.88 12.85
C SER B 94 -5.03 13.86 11.60
N GLN B 95 -3.78 14.29 11.72
CA GLN B 95 -2.82 14.26 10.62
C GLN B 95 -2.52 12.83 10.23
N GLN B 97 -4.61 10.29 11.12
CA GLN B 97 -5.90 9.78 10.68
C GLN B 97 -6.13 10.09 9.18
N ASN B 98 -5.76 11.29 8.76
CA ASN B 98 -5.99 11.72 7.38
C ASN B 98 -4.81 11.49 6.47
N ARG B 99 -3.76 10.90 7.01
CA ARG B 99 -2.59 10.53 6.27
C ARG B 99 -2.94 10.05 4.87
N GLY B 100 -2.45 10.78 3.86
CA GLY B 100 -2.56 10.37 2.47
C GLY B 100 -1.37 9.50 2.12
N ARG B 101 -1.43 8.82 0.98
CA ARG B 101 -0.35 7.90 0.57
C ARG B 101 0.90 8.65 0.07
N ASP B 102 1.03 9.90 0.52
CA ASP B 102 2.15 10.77 0.15
C ASP B 102 2.72 11.46 1.39
N THR B 103 1.99 11.38 2.50
CA THR B 103 2.31 12.10 3.72
C THR B 103 3.61 11.59 4.34
N ARG B 104 4.38 12.48 4.96
CA ARG B 104 5.58 12.02 5.63
C ARG B 104 5.20 11.41 6.96
N VAL B 105 5.68 10.20 7.20
CA VAL B 105 5.54 9.53 8.49
C VAL B 105 6.91 9.37 9.14
N GLU B 106 7.08 9.93 10.34
CA GLU B 106 8.30 9.76 11.10
C GLU B 106 8.13 8.67 12.13
N PHE B 107 9.23 8.00 12.44
CA PHE B 107 9.27 7.03 13.51
C PHE B 107 10.11 7.50 14.67
N TRP B 108 9.47 7.77 15.79
CA TRP B 108 10.16 8.30 16.95
C TRP B 108 10.44 7.16 17.93
N ALA B 109 11.71 6.77 18.01
CA ALA B 109 12.13 5.62 18.84
C ALA B 109 12.26 6.01 20.28
N PHE B 110 11.73 5.17 21.17
CA PHE B 110 11.91 5.39 22.60
C PHE B 110 12.26 4.16 23.41
N ASP B 111 12.44 3.01 22.78
CA ASP B 111 13.04 1.86 23.50
C ASP B 111 13.79 0.90 22.59
N LEU B 112 14.74 0.17 23.19
CA LEU B 112 15.58 -0.79 22.48
C LEU B 112 15.40 -2.10 23.21
N LEU B 113 14.86 -3.11 22.51
CA LEU B 113 14.47 -4.35 23.17
C LEU B 113 15.39 -5.51 22.86
N TYR B 114 16.25 -5.28 21.88
CA TYR B 114 17.14 -6.30 21.35
C TYR B 114 18.20 -5.60 20.53
N LEU B 115 19.45 -5.97 20.76
CA LEU B 115 20.60 -5.43 20.00
C LEU B 115 21.66 -6.50 19.74
N ASP B 116 21.75 -6.90 18.47
CA ASP B 116 22.84 -7.72 17.96
C ASP B 116 23.14 -8.96 18.79
N GLY B 117 22.10 -9.70 19.17
CA GLY B 117 22.28 -10.95 19.88
C GLY B 117 21.87 -10.87 21.33
N ARG B 118 21.87 -9.66 21.90
CA ARG B 118 21.51 -9.44 23.28
C ARG B 118 20.05 -8.97 23.43
N ALA B 119 19.26 -9.76 24.15
CA ALA B 119 17.87 -9.42 24.53
C ALA B 119 17.91 -8.51 25.75
N LEU B 120 17.09 -7.46 25.73
CA LEU B 120 17.22 -6.36 26.70
C LEU B 120 15.99 -6.17 27.58
N LEU B 121 15.06 -7.10 27.54
CA LEU B 121 13.83 -6.97 28.29
C LEU B 121 14.07 -6.90 29.78
N GLY B 122 15.07 -7.62 30.27
CA GLY B 122 15.41 -7.60 31.69
C GLY B 122 16.56 -6.67 32.03
N THR B 123 16.82 -5.69 31.16
CA THR B 123 17.82 -4.68 31.38
C THR B 123 17.10 -3.41 31.84
N ARG B 124 17.72 -2.69 32.77
CA ARG B 124 17.13 -1.48 33.33
C ARG B 124 16.98 -0.36 32.29
N TYR B 125 15.88 0.36 32.35
CA TYR B 125 15.66 1.44 31.41
C TYR B 125 16.95 2.28 31.20
N GLN B 126 17.55 2.78 32.30
CA GLN B 126 18.82 3.52 32.23
C GLN B 126 19.75 2.97 31.18
N ASP B 127 20.00 1.67 31.25
CA ASP B 127 20.94 1.02 30.36
C ASP B 127 20.44 0.91 28.93
N ARG B 128 19.16 0.56 28.75
CA ARG B 128 18.57 0.44 27.41
C ARG B 128 18.64 1.78 26.70
N ARG B 129 18.34 2.85 27.44
CA ARG B 129 18.30 4.19 26.89
C ARG B 129 19.66 4.58 26.38
N LYS B 130 20.69 4.18 27.13
CA LYS B 130 22.08 4.48 26.80
C LYS B 130 22.42 3.85 25.44
N LEU B 131 21.97 2.63 25.27
CA LEU B 131 22.23 1.87 24.06
C LEU B 131 21.47 2.46 22.86
N LEU B 132 20.26 2.94 23.08
CA LEU B 132 19.44 3.48 22.03
C LEU B 132 20.05 4.78 21.55
N GLU B 133 20.50 5.59 22.50
CA GLU B 133 21.18 6.85 22.20
C GLU B 133 22.39 6.62 21.31
N THR B 134 23.17 5.57 21.58
CA THR B 134 24.31 5.35 20.73
C THR B 134 23.91 4.91 19.31
N LEU B 135 22.85 4.11 19.18
CA LEU B 135 22.28 3.81 17.83
C LEU B 135 21.93 5.09 17.10
N ALA B 136 21.34 6.01 17.84
CA ALA B 136 20.94 7.29 17.30
C ALA B 136 22.11 8.16 16.90
N ASN B 137 23.25 8.02 17.60
CA ASN B 137 24.44 8.83 17.27
C ASN B 137 25.20 8.28 16.06
N ALA B 138 25.03 6.98 15.79
CA ALA B 138 25.72 6.28 14.68
C ALA B 138 24.90 6.07 13.39
N THR B 139 23.58 6.28 13.46
CA THR B 139 22.66 6.07 12.35
C THR B 139 21.63 7.20 12.32
N SER B 140 20.63 7.14 11.43
CA SER B 140 19.64 8.23 11.27
C SER B 140 18.43 8.02 12.11
N LEU B 141 18.48 7.03 12.99
CA LEU B 141 17.36 6.73 13.84
C LEU B 141 16.99 7.98 14.66
N THR B 142 15.71 8.35 14.67
CA THR B 142 15.23 9.49 15.41
C THR B 142 14.91 9.06 16.82
N VAL B 143 15.61 9.64 17.78
CA VAL B 143 15.40 9.30 19.18
C VAL B 143 15.18 10.58 19.98
N PRO B 144 13.90 10.90 20.27
CA PRO B 144 13.58 12.10 21.04
C PRO B 144 14.39 12.18 22.30
N GLU B 145 14.78 13.40 22.65
CA GLU B 145 15.62 13.64 23.79
C GLU B 145 14.77 13.55 25.03
N LEU B 146 15.39 13.15 26.12
CA LEU B 146 14.75 13.21 27.42
C LEU B 146 14.48 14.68 27.83
N LEU B 147 13.48 14.91 28.68
CA LEU B 147 13.21 16.25 29.21
C LEU B 147 13.96 16.41 30.53
N PRO B 148 14.75 17.48 30.65
CA PRO B 148 15.61 17.58 31.80
C PRO B 148 14.85 18.05 33.03
N GLY B 149 15.51 18.03 34.17
CA GLY B 149 14.94 18.54 35.41
C GLY B 149 14.07 17.48 36.05
N ASP B 150 13.26 17.92 37.03
CA ASP B 150 12.24 17.07 37.64
C ASP B 150 10.89 17.25 36.93
N GLY B 151 9.84 16.68 37.54
CA GLY B 151 8.54 16.51 36.88
C GLY B 151 7.95 17.78 36.30
N ALA B 152 7.84 18.82 37.15
CA ALA B 152 7.33 20.12 36.74
C ALA B 152 8.13 20.71 35.57
N GLN B 153 9.46 20.75 35.71
CA GLN B 153 10.32 21.27 34.66
C GLN B 153 10.13 20.51 33.36
N ALA B 154 10.18 19.19 33.45
CA ALA B 154 9.92 18.34 32.30
C ALA B 154 8.59 18.73 31.64
N PHE B 155 7.57 18.89 32.47
CA PHE B 155 6.26 19.30 32.02
C PHE B 155 6.27 20.67 31.30
N ALA B 156 7.01 21.63 31.86
CA ALA B 156 7.18 22.95 31.27
C ALA B 156 7.91 22.95 29.93
N CYS B 157 8.84 22.00 29.77
N CYS B 157 8.82 21.98 29.75
CA CYS B 157 9.58 21.81 28.54
CA CYS B 157 9.56 21.88 28.52
C CYS B 157 8.64 21.35 27.46
C CYS B 157 8.68 21.28 27.42
N SER B 158 7.78 20.39 27.83
CA SER B 158 6.76 19.85 26.96
C SER B 158 5.81 20.94 26.48
N ARG B 159 5.44 21.82 27.41
CA ARG B 159 4.69 23.00 27.10
C ARG B 159 5.44 23.83 26.03
N LYS B 160 6.72 24.16 26.27
CA LYS B 160 7.51 24.90 25.27
C LYS B 160 7.44 24.27 23.87
N HIS B 161 7.38 22.94 23.80
CA HIS B 161 7.38 22.24 22.53
C HIS B 161 6.06 22.25 21.82
N GLY B 162 4.98 22.51 22.55
CA GLY B 162 3.64 22.44 22.02
C GLY B 162 3.11 21.03 22.17
N TRP B 163 3.72 20.28 23.09
CA TRP B 163 3.51 18.84 23.22
C TRP B 163 2.47 18.49 24.26
N GLU B 164 1.61 17.52 23.95
CA GLU B 164 0.42 17.13 24.72
C GLU B 164 0.59 16.78 26.22
N GLY B 165 1.69 16.14 26.60
CA GLY B 165 1.89 15.73 27.99
C GLY B 165 3.32 15.25 28.17
N VAL B 166 3.59 14.48 29.23
CA VAL B 166 4.85 13.70 29.29
C VAL B 166 4.60 12.28 29.75
N ILE B 167 5.56 11.39 29.49
CA ILE B 167 5.54 10.03 30.06
C ILE B 167 6.82 9.84 30.85
N ALA B 168 6.65 9.50 32.11
CA ALA B 168 7.75 9.32 33.02
C ALA B 168 7.98 7.84 33.18
N LYS B 169 9.24 7.42 33.09
CA LYS B 169 9.63 6.00 33.13
C LYS B 169 10.73 5.81 34.17
N ARG B 170 10.51 4.89 35.11
CA ARG B 170 11.49 4.66 36.16
C ARG B 170 12.77 4.15 35.56
N ARG B 171 13.88 4.75 35.96
CA ARG B 171 15.18 4.41 35.41
C ARG B 171 15.60 2.98 35.76
N ASP B 172 15.09 2.44 36.85
CA ASP B 172 15.49 1.10 37.29
C ASP B 172 14.72 -0.03 36.59
N SER B 173 13.75 0.34 35.78
CA SER B 173 12.67 -0.58 35.36
C SER B 173 12.92 -1.45 34.13
N ARG B 174 12.65 -2.73 34.27
CA ARG B 174 12.63 -3.68 33.15
C ARG B 174 11.55 -3.37 32.10
N TYR B 175 11.64 -4.00 30.92
CA TYR B 175 10.58 -3.89 29.93
C TYR B 175 9.64 -5.08 30.11
N GLN B 176 8.37 -4.77 30.32
CA GLN B 176 7.35 -5.80 30.55
C GLN B 176 6.35 -5.81 29.40
N PRO B 177 6.59 -6.69 28.41
CA PRO B 177 5.75 -6.74 27.23
C PRO B 177 4.27 -7.02 27.52
N GLY B 178 3.43 -6.17 26.96
CA GLY B 178 1.99 -6.30 27.01
C GLY B 178 1.39 -6.08 28.37
N ARG B 179 2.06 -5.29 29.20
CA ARG B 179 1.63 -5.10 30.59
C ARG B 179 1.46 -3.61 30.86
N ARG B 180 0.41 -3.25 31.58
CA ARG B 180 0.21 -1.86 31.99
C ARG B 180 0.93 -1.69 33.34
N CYS B 181 2.06 -0.98 33.36
CA CYS B 181 2.90 -0.92 34.55
C CYS B 181 2.93 0.43 35.26
N ALA B 182 3.20 0.38 36.56
CA ALA B 182 3.23 1.57 37.40
C ALA B 182 4.51 2.34 37.13
N SER B 183 5.52 1.62 36.64
CA SER B 183 6.83 2.20 36.34
C SER B 183 6.80 3.13 35.13
N TRP B 184 5.69 3.12 34.40
CA TRP B 184 5.46 4.11 33.34
C TRP B 184 4.24 4.95 33.71
N VAL B 185 4.40 6.26 33.80
CA VAL B 185 3.31 7.15 34.18
C VAL B 185 3.09 8.19 33.09
N LYS B 186 1.86 8.31 32.57
CA LYS B 186 1.57 9.27 31.51
C LYS B 186 0.71 10.38 32.07
N ASP B 187 0.90 11.61 31.58
CA ASP B 187 0.29 12.78 32.18
C ASP B 187 0.16 13.83 31.10
N LYS B 188 -1.02 14.45 30.96
CA LYS B 188 -1.27 15.49 29.94
C LYS B 188 -1.46 16.86 30.58
N HIS B 189 -1.14 17.95 29.87
CA HIS B 189 -1.37 19.33 30.36
C HIS B 189 -2.85 19.64 30.58
N TRP B 190 -3.66 19.33 29.59
CA TRP B 190 -5.09 19.44 29.70
C TRP B 190 -5.74 18.05 29.85
N ASN B 191 -6.66 17.98 30.80
CA ASN B 191 -7.53 16.85 31.02
C ASN B 191 -8.96 17.34 31.05
N THR B 192 -9.93 16.41 30.99
CA THR B 192 -11.36 16.75 30.96
C THR B 192 -12.10 15.99 32.05
N GLN B 193 -13.15 16.61 32.59
CA GLN B 193 -13.94 15.97 33.63
C GLN B 193 -15.40 16.43 33.55
N GLU B 194 -16.34 15.48 33.55
N GLU B 194 -16.34 15.48 33.57
CA GLU B 194 -17.75 15.83 33.67
CA GLU B 194 -17.76 15.82 33.67
C GLU B 194 -17.98 16.24 35.13
C GLU B 194 -18.02 16.22 35.14
N VAL B 195 -18.76 17.29 35.34
CA VAL B 195 -19.11 17.76 36.70
C VAL B 195 -20.60 18.10 36.78
N VAL B 196 -21.13 18.20 38.00
CA VAL B 196 -22.48 18.69 38.23
C VAL B 196 -22.39 20.06 38.86
N ILE B 197 -23.22 20.98 38.39
CA ILE B 197 -23.29 22.33 38.94
C ILE B 197 -24.07 22.38 40.26
N GLY B 198 -23.49 22.98 41.30
CA GLY B 198 -24.15 23.03 42.60
C GLY B 198 -24.54 24.40 43.08
N GLY B 199 -24.07 25.43 42.37
CA GLY B 199 -24.16 26.78 42.84
C GLY B 199 -23.55 27.69 41.82
N TRP B 200 -23.74 28.99 42.00
CA TRP B 200 -23.10 29.99 41.17
C TRP B 200 -22.95 31.29 41.94
N ARG B 201 -22.01 32.11 41.48
CA ARG B 201 -21.72 33.41 42.05
C ARG B 201 -21.79 34.43 40.92
N ALA B 202 -22.24 35.63 41.24
CA ALA B 202 -22.39 36.74 40.26
C ALA B 202 -21.07 37.22 39.65
N GLY B 203 -21.15 38.01 38.59
CA GLY B 203 -19.97 38.69 38.02
C GLY B 203 -19.52 39.90 38.83
N GLU B 204 -18.35 40.45 38.50
CA GLU B 204 -17.89 41.75 39.06
C GLU B 204 -18.67 42.89 38.35
N GLY B 205 -18.96 43.97 39.07
CA GLY B 205 -19.90 45.04 38.64
C GLY B 205 -19.97 45.38 37.16
N SER B 208 -22.61 42.79 38.69
CA SER B 208 -23.41 41.99 37.77
C SER B 208 -24.64 41.38 38.41
N SER B 209 -25.72 41.38 37.63
CA SER B 209 -26.93 40.61 37.95
C SER B 209 -26.81 39.24 37.26
N GLY B 210 -25.76 39.09 36.46
CA GLY B 210 -25.47 37.85 35.74
C GLY B 210 -24.62 36.83 36.47
N VAL B 211 -24.50 35.66 35.87
CA VAL B 211 -23.63 34.60 36.36
C VAL B 211 -22.18 34.98 36.03
N GLY B 212 -21.28 34.73 36.97
CA GLY B 212 -19.88 35.06 36.76
C GLY B 212 -19.05 33.81 36.83
N SER B 213 -19.36 32.95 37.80
CA SER B 213 -18.68 31.67 37.93
C SER B 213 -19.61 30.61 38.54
N LEU B 214 -19.23 29.34 38.39
CA LEU B 214 -20.05 28.21 38.84
C LEU B 214 -19.33 27.28 39.80
N LEU B 215 -20.05 26.77 40.79
CA LEU B 215 -19.51 25.81 41.73
C LEU B 215 -19.82 24.45 41.22
N GLY B 217 -19.30 19.98 41.34
CA GLY B 217 -19.21 18.84 42.23
C GLY B 217 -19.31 17.51 41.52
N ILE B 218 -18.83 16.48 42.21
CA ILE B 218 -18.95 15.09 41.77
C ILE B 218 -19.93 14.43 42.73
N PRO B 219 -21.01 13.82 42.22
CA PRO B 219 -21.87 13.15 43.17
C PRO B 219 -21.14 12.10 43.99
N GLY B 220 -21.53 12.03 45.26
CA GLY B 220 -21.07 11.02 46.22
C GLY B 220 -22.21 10.71 47.18
N PRO B 221 -21.91 9.89 48.22
CA PRO B 221 -22.86 9.37 49.20
C PRO B 221 -23.80 10.44 49.84
N GLY B 222 -23.23 11.50 50.42
CA GLY B 222 -24.07 12.52 51.02
C GLY B 222 -24.45 13.71 50.15
N GLY B 223 -24.08 13.65 48.87
CA GLY B 223 -24.35 14.77 47.99
C GLY B 223 -23.12 15.08 47.20
N LEU B 224 -23.07 16.28 46.65
CA LEU B 224 -21.97 16.67 45.79
C LEU B 224 -20.72 16.87 46.60
N GLN B 225 -19.63 16.26 46.16
CA GLN B 225 -18.33 16.55 46.71
C GLN B 225 -17.80 17.73 45.91
N PHE B 226 -17.57 18.84 46.60
CA PHE B 226 -17.14 20.09 45.96
C PHE B 226 -15.88 19.88 45.14
N ALA B 227 -15.91 20.28 43.88
CA ALA B 227 -14.74 20.17 43.00
C ALA B 227 -14.06 21.50 42.61
N GLY B 228 -14.57 22.62 43.14
CA GLY B 228 -14.02 23.97 42.85
C GLY B 228 -14.97 24.89 42.11
N ARG B 229 -14.58 26.14 41.90
N ARG B 229 -14.53 26.12 41.84
CA ARG B 229 -15.36 27.01 41.03
CA ARG B 229 -15.31 27.13 41.09
C ARG B 229 -14.73 27.12 39.63
C ARG B 229 -14.74 27.38 39.67
N VAL B 230 -15.56 27.31 38.63
CA VAL B 230 -15.09 27.62 37.25
C VAL B 230 -15.61 28.96 36.84
N GLY B 231 -14.75 29.81 36.32
CA GLY B 231 -15.18 31.10 35.83
C GLY B 231 -14.51 31.57 34.56
N THR B 232 -13.73 30.70 33.94
CA THR B 232 -13.08 31.05 32.68
C THR B 232 -13.60 30.18 31.55
N GLY B 233 -13.60 30.74 30.34
CA GLY B 233 -14.04 30.07 29.13
C GLY B 233 -15.53 30.22 28.91
N LEU B 234 -16.11 31.23 29.56
CA LEU B 234 -17.55 31.46 29.54
C LEU B 234 -17.90 32.69 28.69
N SER B 235 -18.63 32.50 27.60
CA SER B 235 -18.97 33.61 26.70
C SER B 235 -20.16 34.41 27.25
N GLU B 236 -20.44 35.57 26.65
CA GLU B 236 -21.64 36.34 26.99
C GLU B 236 -22.89 35.48 26.76
N ARG B 237 -22.97 34.85 25.58
CA ARG B 237 -24.05 33.90 25.24
C ARG B 237 -24.27 32.81 26.30
N GLU B 238 -23.20 32.10 26.64
CA GLU B 238 -23.25 31.01 27.60
C GLU B 238 -23.75 31.47 28.97
N LEU B 239 -23.21 32.57 29.48
CA LEU B 239 -23.60 33.14 30.77
C LEU B 239 -25.05 33.60 30.81
N ALA B 240 -25.52 34.21 29.72
CA ALA B 240 -26.90 34.68 29.68
C ALA B 240 -27.88 33.51 29.66
N ASN B 241 -27.48 32.43 29.00
CA ASN B 241 -28.22 31.18 29.00
C ASN B 241 -28.17 30.48 30.36
N LEU B 242 -27.02 30.54 31.00
CA LEU B 242 -26.85 29.92 32.29
C LEU B 242 -27.78 30.60 33.30
N LYS B 243 -27.93 31.91 33.19
CA LYS B 243 -28.79 32.66 34.08
C LYS B 243 -30.22 32.11 33.98
N GLU B 244 -30.70 31.99 32.75
CA GLU B 244 -32.06 31.52 32.49
C GLU B 244 -32.31 30.07 32.90
N LEU B 246 -30.55 28.36 35.24
CA LEU B 246 -30.28 28.13 36.67
C LEU B 246 -31.35 28.72 37.56
N ALA B 247 -32.01 29.76 37.05
CA ALA B 247 -32.99 30.48 37.83
C ALA B 247 -34.08 29.54 38.41
N PRO B 248 -34.70 28.69 37.56
CA PRO B 248 -35.74 27.78 38.07
C PRO B 248 -35.24 26.77 39.10
N LEU B 249 -33.93 26.52 39.12
CA LEU B 249 -33.33 25.52 39.98
C LEU B 249 -32.81 26.13 41.29
N HIS B 250 -33.12 27.38 41.56
CA HIS B 250 -32.69 28.05 42.78
C HIS B 250 -33.16 27.27 43.99
N THR B 251 -32.23 27.02 44.89
CA THR B 251 -32.54 26.39 46.16
C THR B 251 -31.78 27.08 47.33
N ASP B 252 -32.30 26.93 48.53
CA ASP B 252 -31.66 27.49 49.71
C ASP B 252 -30.84 26.40 50.38
N GLU B 253 -31.17 25.15 50.09
CA GLU B 253 -30.47 23.98 50.62
C GLU B 253 -29.22 23.62 49.78
N SER B 254 -28.04 23.66 50.38
CA SER B 254 -26.81 23.28 49.68
C SER B 254 -26.90 21.85 49.21
N PRO B 255 -26.45 21.55 47.98
CA PRO B 255 -26.36 20.17 47.54
C PRO B 255 -25.02 19.51 47.84
N PHE B 256 -24.06 20.24 48.42
CA PHE B 256 -22.79 19.62 48.75
C PHE B 256 -22.90 18.75 50.00
N ASP B 257 -22.05 17.74 50.07
CA ASP B 257 -22.16 16.71 51.11
C ASP B 257 -21.83 17.24 52.52
N VAL B 258 -21.06 18.34 52.58
CA VAL B 258 -20.70 19.04 53.83
C VAL B 258 -20.62 20.52 53.50
N PRO B 259 -20.78 21.41 54.51
CA PRO B 259 -20.84 22.84 54.20
C PRO B 259 -19.57 23.33 53.47
N LEU B 260 -19.70 24.29 52.56
CA LEU B 260 -18.52 24.88 51.94
C LEU B 260 -17.85 25.78 52.96
N PRO B 261 -16.51 25.89 52.88
CA PRO B 261 -15.90 26.89 53.76
C PRO B 261 -16.31 28.29 53.32
N ALA B 262 -16.31 29.24 54.26
CA ALA B 262 -16.82 30.57 54.02
C ALA B 262 -16.27 31.21 52.73
N ARG B 263 -14.98 31.03 52.46
CA ARG B 263 -14.38 31.59 51.24
C ARG B 263 -15.19 31.14 50.01
N ASP B 264 -15.46 29.85 49.95
N ASP B 264 -15.46 29.85 49.95
CA ASP B 264 -16.15 29.24 48.82
CA ASP B 264 -16.15 29.24 48.82
C ASP B 264 -17.67 29.51 48.83
C ASP B 264 -17.67 29.51 48.83
N ALA B 265 -18.22 29.84 50.00
CA ALA B 265 -19.64 30.04 50.19
C ALA B 265 -20.07 31.48 49.95
N LYS B 266 -19.12 32.39 49.90
CA LYS B 266 -19.43 33.82 49.78
C LYS B 266 -20.19 34.17 48.49
N GLY B 267 -21.32 34.85 48.62
CA GLY B 267 -22.11 35.28 47.45
C GLY B 267 -22.67 34.17 46.58
N ILE B 268 -22.82 32.97 47.13
CA ILE B 268 -23.26 31.80 46.36
C ILE B 268 -24.75 31.65 46.43
N THR B 269 -25.32 31.27 45.30
CA THR B 269 -26.68 30.80 45.20
C THR B 269 -26.62 29.34 44.89
N TYR B 270 -27.22 28.51 45.73
CA TYR B 270 -27.25 27.07 45.46
C TYR B 270 -28.32 26.74 44.39
N VAL B 271 -28.14 25.63 43.70
CA VAL B 271 -29.13 25.16 42.77
C VAL B 271 -29.35 23.67 42.97
N LYS B 272 -30.46 23.16 42.46
CA LYS B 272 -30.68 21.73 42.37
C LYS B 272 -29.54 21.09 41.53
N PRO B 273 -28.89 20.03 42.05
CA PRO B 273 -27.75 19.38 41.35
C PRO B 273 -28.25 18.51 40.18
N ALA B 274 -28.72 19.18 39.14
CA ALA B 274 -29.44 18.57 38.06
C ALA B 274 -28.70 18.76 36.74
N LEU B 275 -27.83 19.77 36.65
CA LEU B 275 -27.14 20.09 35.43
C LEU B 275 -25.76 19.46 35.39
N VAL B 276 -25.46 18.76 34.28
CA VAL B 276 -24.10 18.28 33.99
C VAL B 276 -23.39 19.25 33.03
N ALA B 277 -22.10 19.43 33.27
CA ALA B 277 -21.24 20.25 32.40
C ALA B 277 -19.90 19.55 32.16
N GLU B 278 -19.23 19.92 31.08
CA GLU B 278 -17.90 19.45 30.83
C GLU B 278 -16.90 20.55 31.08
N VAL B 279 -15.80 20.16 31.71
CA VAL B 279 -14.83 21.11 32.13
C VAL B 279 -13.45 20.60 31.74
N ARG B 280 -12.57 21.52 31.38
CA ARG B 280 -11.16 21.23 31.08
C ARG B 280 -10.36 21.71 32.25
N TYR B 281 -9.37 20.95 32.67
CA TYR B 281 -8.56 21.33 33.81
C TYR B 281 -7.17 20.73 33.63
N SER B 282 -6.29 20.99 34.59
CA SER B 282 -4.95 20.43 34.52
C SER B 282 -4.91 19.23 35.43
N GLU B 283 -4.75 19.43 36.73
CA GLU B 283 -4.78 18.32 37.68
C GLU B 283 -5.77 18.52 38.83
N TRP B 284 -6.17 17.42 39.46
CA TRP B 284 -6.87 17.44 40.72
C TRP B 284 -5.95 17.95 41.82
N THR B 285 -6.51 18.47 42.90
CA THR B 285 -5.71 18.77 44.09
C THR B 285 -5.83 17.58 45.06
N PRO B 286 -4.98 17.54 46.11
CA PRO B 286 -5.15 16.45 47.09
C PRO B 286 -6.55 16.47 47.69
N GLU B 287 -7.15 17.66 47.77
CA GLU B 287 -8.45 17.85 48.41
C GLU B 287 -9.65 17.50 47.53
N GLY B 288 -9.41 17.03 46.31
CA GLY B 288 -10.49 16.71 45.39
C GLY B 288 -11.03 17.88 44.57
N ARG B 289 -10.24 18.94 44.45
N ARG B 289 -10.25 18.95 44.45
CA ARG B 289 -10.60 20.09 43.63
CA ARG B 289 -10.61 20.07 43.61
C ARG B 289 -9.82 20.14 42.30
C ARG B 289 -9.92 19.98 42.25
N LEU B 290 -10.43 20.73 41.28
CA LEU B 290 -9.88 20.77 39.93
C LEU B 290 -9.07 22.04 39.65
N ARG B 291 -7.74 21.96 39.58
CA ARG B 291 -6.94 23.15 39.19
C ARG B 291 -7.17 23.60 37.75
N GLN B 292 -7.11 24.90 37.54
CA GLN B 292 -7.09 25.49 36.21
C GLN B 292 -8.29 25.08 35.36
N SER B 293 -9.47 25.12 35.95
CA SER B 293 -10.63 24.69 35.21
C SER B 293 -11.06 25.78 34.23
N SER B 294 -11.59 25.36 33.09
CA SER B 294 -12.37 26.23 32.22
C SER B 294 -13.52 25.45 31.59
N TRP B 295 -14.51 26.21 31.18
CA TRP B 295 -15.79 25.74 30.76
C TRP B 295 -15.71 25.16 29.35
N ARG B 296 -16.19 23.93 29.18
CA ARG B 296 -16.37 23.35 27.85
C ARG B 296 -17.86 23.07 27.64
N GLY B 297 -18.72 23.63 28.47
CA GLY B 297 -20.13 23.66 28.17
C GLY B 297 -21.03 22.71 28.91
N LEU B 298 -22.29 23.10 28.99
CA LEU B 298 -23.37 22.23 29.47
C LEU B 298 -23.50 20.95 28.62
N ARG B 299 -23.86 19.86 29.28
CA ARG B 299 -24.13 18.59 28.60
C ARG B 299 -25.53 18.10 28.93
N PRO B 300 -26.57 18.65 28.29
CA PRO B 300 -27.95 18.31 28.64
C PRO B 300 -28.27 16.81 28.47
N ASP B 301 -27.49 16.12 27.65
CA ASP B 301 -27.69 14.68 27.36
C ASP B 301 -27.39 13.78 28.57
N LYS B 302 -26.65 14.31 29.55
CA LYS B 302 -26.07 13.53 30.64
C LYS B 302 -26.83 13.65 31.98
N LYS B 303 -26.90 12.56 32.73
CA LYS B 303 -27.60 12.52 34.01
C LYS B 303 -26.57 12.69 35.11
N PRO B 304 -26.86 13.51 36.14
CA PRO B 304 -25.88 13.69 37.22
C PRO B 304 -25.47 12.39 37.85
N SER B 305 -26.37 11.41 37.88
CA SER B 305 -26.09 10.17 38.60
C SER B 305 -24.95 9.37 37.95
N GLU B 306 -24.69 9.58 36.67
CA GLU B 306 -23.58 8.88 36.08
C GLU B 306 -22.35 9.73 35.85
N VAL B 307 -22.20 10.77 36.68
CA VAL B 307 -20.95 11.56 36.78
C VAL B 307 -20.05 10.93 37.88
N VAL B 308 -18.83 10.57 37.50
CA VAL B 308 -17.86 9.97 38.42
C VAL B 308 -16.52 10.64 38.14
N ARG B 309 -15.68 10.70 39.18
CA ARG B 309 -14.32 11.14 39.03
C ARG B 309 -13.66 10.16 38.08
N GLU B 310 -13.04 10.68 37.01
CA GLU B 310 -12.55 9.93 35.86
C GLU B 310 -11.03 9.76 35.90
#